data_7JWV
#
_entry.id   7JWV
#
_cell.length_a   109.194
_cell.length_b   109.194
_cell.length_c   83.174
_cell.angle_alpha   90.000
_cell.angle_beta   90.000
_cell.angle_gamma   90.000
#
_symmetry.space_group_name_H-M   'P 4 2 2'
#
loop_
_entity.id
_entity.type
_entity.pdbx_description
1 polymer 'Retinal dehydrogenase 1'
2 non-polymer 'YTTERBIUM (III) ION'
3 non-polymer 5-[4-(hydroxymethyl)phenyl]-1-methyl-6-{[(1R)-1-phenylethyl]sulfanyl}-1,5-dihydro-4H-pyrazolo[3,4-d]pyrimidin-4-one
4 non-polymer 'CHLORIDE ION'
5 water water
#
_entity_poly.entity_id   1
_entity_poly.type   'polypeptide(L)'
_entity_poly.pdbx_seq_one_letter_code
;MSSSGTPDLPVLLTDLKIQYTKIFINNEWHDSVSGKKFPVFNPATEEELCQVEEGDKEDVDKAVKAARQAFQIGSPWRTM
DASERGRLLYKLADLIERDRLLLATMESMNGGKLYSNAYLSDLAGCIKTLRYCAGWADKIQGRTIPIDGNFFTYTRHEPI
GVCGQIIPWNFPLVMLIWKIGPALSCGNTVVVKPAEQTPLTALHVASLIKEAGFPPGVVNIVPGYGPTAGAAISSHMDID
KVAFTGSTEVGKLIKEAAGKSNLKRVTLELGGKSPCIVLADADLDNAVEFAHHGVFYHQGQCCIAASRIFVEESIYDEFV
RRSVERAKKYILGNPLTPGVTQGPQIDKEQYDKILDLIESGKKEGAKLECGGGPWGNKGYFVQPTVFSNVTDEMRIAKEE
IFGPVQQIMKFKSLDDVIKRANNTFYGLSAGVFTKDIDKAITISSALQAGTVWVNCYGVVSAQCPFGGFKMSGNGRELGE
YGFHEYTEVKTVTVKISQKNS
;
_entity_poly.pdbx_strand_id   A
#
# COMPACT_ATOMS: atom_id res chain seq x y z
N ASP A 8 -0.13 11.83 22.76
CA ASP A 8 -0.23 10.71 23.76
C ASP A 8 0.16 9.37 23.14
N LEU A 9 1.32 8.84 23.54
CA LEU A 9 1.80 7.53 23.08
C LEU A 9 1.79 6.52 24.22
N PRO A 10 0.62 5.85 24.43
CA PRO A 10 0.52 4.75 25.38
C PRO A 10 1.17 3.49 24.82
N VAL A 11 1.43 2.54 25.71
CA VAL A 11 2.09 1.29 25.36
CA VAL A 11 2.13 1.30 25.39
C VAL A 11 1.42 0.08 26.01
N LEU A 12 1.75 -1.10 25.49
CA LEU A 12 1.28 -2.39 26.01
C LEU A 12 1.98 -2.76 27.32
N LEU A 13 1.21 -3.19 28.31
CA LEU A 13 1.74 -3.44 29.66
C LEU A 13 2.38 -4.82 29.84
N THR A 14 1.84 -5.84 29.15
CA THR A 14 2.46 -7.17 29.12
C THR A 14 3.23 -7.34 27.80
N ASP A 15 4.25 -8.20 27.81
CA ASP A 15 4.93 -8.59 26.58
C ASP A 15 3.90 -9.31 25.66
N LEU A 16 3.95 -8.97 24.37
CA LEU A 16 3.03 -9.52 23.37
C LEU A 16 3.22 -11.03 23.22
N LYS A 17 2.12 -11.77 23.18
CA LYS A 17 2.14 -13.19 22.78
C LYS A 17 1.53 -13.33 21.40
N ILE A 18 2.10 -14.18 20.57
CA ILE A 18 1.53 -14.49 19.25
C ILE A 18 0.56 -15.66 19.46
N GLN A 19 -0.68 -15.47 18.98
CA GLN A 19 -1.75 -16.45 19.10
C GLN A 19 -2.16 -17.06 17.75
N TYR A 20 -2.37 -16.20 16.74
CA TYR A 20 -2.93 -16.64 15.45
C TYR A 20 -1.84 -16.84 14.42
N THR A 21 -1.64 -18.11 14.03
CA THR A 21 -0.59 -18.52 13.11
C THR A 21 -1.07 -19.47 12.01
N LYS A 22 -2.38 -19.63 11.87
CA LYS A 22 -2.94 -20.59 10.94
C LYS A 22 -3.65 -19.93 9.77
N ILE A 23 -3.89 -20.73 8.74
CA ILE A 23 -4.64 -20.31 7.56
C ILE A 23 -6.11 -20.13 7.95
N PHE A 24 -6.72 -19.02 7.54
CA PHE A 24 -8.09 -18.65 7.96
C PHE A 24 -9.05 -18.84 6.79
N ILE A 25 -9.88 -19.89 6.84
CA ILE A 25 -10.86 -20.18 5.77
C ILE A 25 -12.21 -20.53 6.42
N ASN A 26 -13.32 -19.96 5.90
CA ASN A 26 -14.67 -20.19 6.46
C ASN A 26 -14.77 -19.91 7.98
N ASN A 27 -14.08 -18.85 8.42
CA ASN A 27 -13.99 -18.45 9.85
C ASN A 27 -13.47 -19.51 10.80
N GLU A 28 -12.60 -20.37 10.30
CA GLU A 28 -11.97 -21.36 11.13
C GLU A 28 -10.49 -21.47 10.75
N TRP A 29 -9.71 -21.97 11.69
CA TRP A 29 -8.26 -22.01 11.57
C TRP A 29 -7.84 -23.36 11.02
N HIS A 30 -7.04 -23.34 9.96
CA HIS A 30 -6.64 -24.53 9.22
C HIS A 30 -5.12 -24.69 9.26
N ASP A 31 -4.67 -25.93 9.45
CA ASP A 31 -3.31 -26.31 9.10
C ASP A 31 -3.21 -26.32 7.58
N SER A 32 -1.99 -26.14 7.08
CA SER A 32 -1.69 -26.28 5.65
C SER A 32 -1.96 -27.71 5.15
N VAL A 33 -2.35 -27.82 3.88
CA VAL A 33 -2.57 -29.12 3.21
C VAL A 33 -1.30 -29.98 3.22
N SER A 34 -0.16 -29.37 2.92
CA SER A 34 1.13 -30.05 3.01
C SER A 34 1.48 -30.39 4.47
N GLY A 35 1.17 -29.47 5.37
CA GLY A 35 1.53 -29.58 6.78
C GLY A 35 2.80 -28.81 7.10
N LYS A 36 3.38 -28.14 6.10
CA LYS A 36 4.56 -27.31 6.27
C LYS A 36 4.22 -26.01 6.97
N LYS A 37 5.24 -25.46 7.64
CA LYS A 37 5.16 -24.15 8.27
C LYS A 37 6.43 -23.38 7.89
N PHE A 38 6.37 -22.06 7.98
CA PHE A 38 7.50 -21.19 7.65
C PHE A 38 7.78 -20.16 8.75
N PRO A 39 9.06 -19.81 8.97
CA PRO A 39 9.40 -18.91 10.07
C PRO A 39 9.13 -17.44 9.75
N VAL A 40 8.81 -16.68 10.80
CA VAL A 40 8.58 -15.24 10.70
C VAL A 40 9.62 -14.56 11.60
N PHE A 41 10.29 -13.55 11.06
CA PHE A 41 11.42 -12.91 11.75
C PHE A 41 11.15 -11.47 12.15
N ASN A 42 11.88 -11.03 13.17
CA ASN A 42 11.94 -9.62 13.54
C ASN A 42 13.15 -9.02 12.80
N PRO A 43 12.93 -8.00 11.94
CA PRO A 43 14.06 -7.41 11.19
C PRO A 43 15.08 -6.64 12.02
N ALA A 44 14.71 -6.26 13.25
CA ALA A 44 15.58 -5.47 14.12
C ALA A 44 16.57 -6.37 14.88
N THR A 45 16.15 -7.59 15.19
CA THR A 45 17.03 -8.53 15.93
C THR A 45 17.55 -9.72 15.08
N GLU A 46 16.98 -9.91 13.90
CA GLU A 46 17.18 -11.11 13.07
C GLU A 46 16.70 -12.41 13.73
N GLU A 47 15.92 -12.30 14.82
CA GLU A 47 15.47 -13.46 15.58
C GLU A 47 14.10 -13.93 15.09
N GLU A 48 13.89 -15.25 15.15
CA GLU A 48 12.63 -15.86 14.78
C GLU A 48 11.58 -15.53 15.85
N LEU A 49 10.46 -14.97 15.43
CA LEU A 49 9.32 -14.63 16.31
C LEU A 49 8.43 -15.84 16.54
N CYS A 50 8.21 -16.62 15.46
CA CYS A 50 7.32 -17.79 15.46
C CYS A 50 7.41 -18.47 14.08
N GLN A 51 6.53 -19.54 13.96
CA GLN A 51 6.26 -20.17 12.68
C GLN A 51 4.78 -20.03 12.35
N VAL A 52 4.47 -20.04 11.05
CA VAL A 52 3.12 -19.82 10.52
C VAL A 52 2.85 -20.87 9.45
N GLU A 53 1.60 -21.31 9.32
CA GLU A 53 1.25 -22.37 8.38
C GLU A 53 1.50 -21.88 6.95
N GLU A 54 2.23 -22.68 6.16
CA GLU A 54 2.57 -22.28 4.79
C GLU A 54 1.47 -22.63 3.80
N GLY A 55 0.72 -21.62 3.38
CA GLY A 55 -0.28 -21.79 2.34
C GLY A 55 0.38 -21.98 0.99
N ASP A 56 -0.13 -22.93 0.22
CA ASP A 56 0.33 -23.19 -1.14
C ASP A 56 -0.91 -23.23 -2.06
N LYS A 57 -0.75 -23.67 -3.30
CA LYS A 57 -1.85 -23.75 -4.29
C LYS A 57 -3.05 -24.54 -3.76
N GLU A 58 -2.77 -25.65 -3.10
CA GLU A 58 -3.79 -26.54 -2.55
C GLU A 58 -4.67 -25.80 -1.50
N ASP A 59 -4.07 -24.87 -0.76
CA ASP A 59 -4.77 -24.10 0.28
C ASP A 59 -5.55 -22.93 -0.30
N VAL A 60 -4.94 -22.24 -1.27
CA VAL A 60 -5.62 -21.19 -2.03
C VAL A 60 -6.88 -21.79 -2.67
N ASP A 61 -6.82 -23.05 -3.11
CA ASP A 61 -7.98 -23.71 -3.70
C ASP A 61 -9.13 -23.87 -2.71
N LYS A 62 -8.82 -24.27 -1.48
CA LYS A 62 -9.82 -24.33 -0.40
C LYS A 62 -10.42 -22.95 -0.12
N ALA A 63 -9.56 -21.94 -0.07
CA ALA A 63 -9.97 -20.57 0.20
C ALA A 63 -10.90 -20.00 -0.89
N VAL A 64 -10.58 -20.23 -2.16
CA VAL A 64 -11.44 -19.82 -3.29
C VAL A 64 -12.78 -20.54 -3.27
N LYS A 65 -12.79 -21.85 -3.01
CA LYS A 65 -14.06 -22.58 -2.93
C LYS A 65 -15.01 -21.99 -1.86
N ALA A 66 -14.44 -21.54 -0.74
CA ALA A 66 -15.20 -20.94 0.37
C ALA A 66 -15.72 -19.55 0.04
N ALA A 67 -14.85 -18.77 -0.62
CA ALA A 67 -15.22 -17.46 -1.14
C ALA A 67 -16.32 -17.55 -2.19
N ARG A 68 -16.21 -18.55 -3.07
CA ARG A 68 -17.22 -18.78 -4.11
C ARG A 68 -18.56 -19.14 -3.49
N GLN A 69 -18.54 -20.02 -2.49
CA GLN A 69 -19.78 -20.40 -1.82
C GLN A 69 -20.42 -19.23 -1.06
N ALA A 70 -19.59 -18.40 -0.42
CA ALA A 70 -20.10 -17.21 0.28
C ALA A 70 -20.68 -16.15 -0.67
N PHE A 71 -20.26 -16.18 -1.94
CA PHE A 71 -20.76 -15.28 -2.96
C PHE A 71 -22.00 -15.79 -3.71
N GLN A 72 -22.45 -17.02 -3.45
CA GLN A 72 -23.56 -17.56 -4.26
C GLN A 72 -24.83 -16.75 -4.05
N ILE A 73 -25.57 -16.52 -5.13
CA ILE A 73 -26.90 -15.95 -5.04
C ILE A 73 -27.70 -16.66 -3.93
N GLY A 74 -28.35 -15.88 -3.06
CA GLY A 74 -29.14 -16.42 -1.96
C GLY A 74 -28.36 -16.60 -0.67
N SER A 75 -27.03 -16.40 -0.70
CA SER A 75 -26.21 -16.53 0.51
C SER A 75 -26.46 -15.37 1.48
N PRO A 76 -26.07 -15.54 2.75
CA PRO A 76 -26.19 -14.41 3.68
C PRO A 76 -25.47 -13.13 3.23
N TRP A 77 -24.26 -13.24 2.71
CA TRP A 77 -23.50 -12.07 2.25
C TRP A 77 -24.15 -11.38 1.04
N ARG A 78 -24.74 -12.14 0.12
CA ARG A 78 -25.40 -11.54 -1.06
C ARG A 78 -26.76 -10.92 -0.74
N THR A 79 -27.47 -11.48 0.24
CA THR A 79 -28.83 -11.08 0.56
C THR A 79 -28.94 -10.04 1.71
N MET A 80 -27.90 -9.90 2.54
CA MET A 80 -27.97 -8.92 3.62
C MET A 80 -28.06 -7.51 3.09
N ASP A 81 -28.65 -6.64 3.89
CA ASP A 81 -28.77 -5.25 3.51
C ASP A 81 -27.38 -4.66 3.32
N ALA A 82 -27.22 -3.79 2.31
CA ALA A 82 -25.96 -3.08 2.12
C ALA A 82 -25.59 -2.35 3.40
N SER A 83 -26.59 -1.75 4.05
CA SER A 83 -26.37 -1.05 5.32
C SER A 83 -25.72 -1.97 6.37
N GLU A 84 -26.08 -3.25 6.32
CA GLU A 84 -25.52 -4.26 7.23
C GLU A 84 -24.08 -4.67 6.88
N ARG A 85 -23.73 -4.75 5.59
CA ARG A 85 -22.31 -4.83 5.21
C ARG A 85 -21.55 -3.66 5.84
N GLY A 86 -22.13 -2.46 5.79
CA GLY A 86 -21.52 -1.27 6.39
C GLY A 86 -21.33 -1.42 7.90
N ARG A 87 -22.40 -1.84 8.57
CA ARG A 87 -22.39 -2.08 10.01
C ARG A 87 -21.24 -3.04 10.43
N LEU A 88 -21.05 -4.11 9.66
CA LEU A 88 -20.01 -5.11 9.96
C LEU A 88 -18.62 -4.50 9.85
N LEU A 89 -18.45 -3.67 8.83
CA LEU A 89 -17.18 -2.96 8.64
C LEU A 89 -16.91 -1.94 9.77
N TYR A 90 -17.92 -1.20 10.22
N TYR A 90 -17.93 -1.19 10.19
CA TYR A 90 -17.72 -0.25 11.32
CA TYR A 90 -17.82 -0.26 11.32
C TYR A 90 -17.45 -0.99 12.63
C TYR A 90 -17.44 -1.01 12.60
N LYS A 91 -18.08 -2.16 12.80
CA LYS A 91 -17.77 -3.04 13.93
C LYS A 91 -16.34 -3.52 13.90
N LEU A 92 -15.83 -3.90 12.72
CA LEU A 92 -14.44 -4.35 12.60
C LEU A 92 -13.49 -3.23 12.97
N ALA A 93 -13.79 -2.00 12.52
CA ALA A 93 -13.01 -0.82 12.92
C ALA A 93 -13.01 -0.59 14.44
N ASP A 94 -14.16 -0.80 15.10
CA ASP A 94 -14.23 -0.67 16.57
C ASP A 94 -13.33 -1.68 17.28
N LEU A 95 -13.27 -2.89 16.73
CA LEU A 95 -12.47 -3.99 17.30
C LEU A 95 -10.98 -3.74 17.09
N ILE A 96 -10.62 -3.22 15.92
CA ILE A 96 -9.23 -2.81 15.64
C ILE A 96 -8.81 -1.66 16.56
N GLU A 97 -9.71 -0.71 16.79
CA GLU A 97 -9.48 0.35 17.78
C GLU A 97 -9.28 -0.23 19.19
N ARG A 98 -10.14 -1.17 19.59
CA ARG A 98 -9.97 -1.86 20.88
C ARG A 98 -8.57 -2.50 21.02
N ASP A 99 -8.12 -3.16 19.95
CA ASP A 99 -6.84 -3.87 19.95
C ASP A 99 -5.69 -3.05 19.36
N ARG A 100 -5.80 -1.71 19.43
CA ARG A 100 -4.82 -0.80 18.82
C ARG A 100 -3.40 -1.02 19.37
N LEU A 101 -3.27 -1.16 20.69
CA LEU A 101 -1.96 -1.35 21.33
C LEU A 101 -1.32 -2.67 20.89
N LEU A 102 -2.08 -3.75 20.99
CA LEU A 102 -1.64 -5.06 20.54
C LEU A 102 -1.25 -5.06 19.06
N LEU A 103 -2.09 -4.46 18.23
CA LEU A 103 -1.85 -4.49 16.79
C LEU A 103 -0.64 -3.65 16.38
N ALA A 104 -0.49 -2.47 16.97
CA ALA A 104 0.65 -1.60 16.69
C ALA A 104 1.97 -2.24 17.14
N THR A 105 1.94 -2.91 18.30
CA THR A 105 3.12 -3.59 18.83
C THR A 105 3.53 -4.74 17.91
N MET A 106 2.56 -5.56 17.53
CA MET A 106 2.81 -6.67 16.61
C MET A 106 3.28 -6.13 15.26
N GLU A 107 2.64 -5.06 14.78
CA GLU A 107 3.05 -4.41 13.53
C GLU A 107 4.48 -3.89 13.61
N SER A 108 4.84 -3.24 14.73
CA SER A 108 6.20 -2.72 14.94
C SER A 108 7.24 -3.84 14.99
N MET A 109 6.96 -4.86 15.80
CA MET A 109 7.87 -5.96 16.03
C MET A 109 8.09 -6.84 14.78
N ASN A 110 7.03 -7.14 14.04
CA ASN A 110 7.13 -7.99 12.85
C ASN A 110 7.61 -7.20 11.61
N GLY A 111 7.18 -5.95 11.50
CA GLY A 111 7.43 -5.12 10.32
C GLY A 111 8.67 -4.24 10.36
N GLY A 112 9.34 -4.17 11.51
CA GLY A 112 10.50 -3.27 11.67
C GLY A 112 10.08 -1.82 11.65
N LYS A 113 8.86 -1.54 12.11
CA LYS A 113 8.21 -0.25 11.95
C LYS A 113 8.23 0.49 13.28
N LEU A 114 8.73 1.72 13.29
CA LEU A 114 8.75 2.56 14.50
C LEU A 114 7.39 2.55 15.17
N TYR A 115 7.36 2.33 16.49
CA TYR A 115 6.11 2.13 17.21
C TYR A 115 5.24 3.39 17.28
N SER A 116 5.84 4.56 17.49
CA SER A 116 5.08 5.82 17.50
C SER A 116 4.26 5.99 16.22
N ASN A 117 4.92 5.71 15.09
CA ASN A 117 4.29 5.80 13.79
C ASN A 117 3.25 4.68 13.62
N ALA A 118 3.60 3.46 14.02
CA ALA A 118 2.66 2.32 13.99
C ALA A 118 1.38 2.66 14.74
N TYR A 119 1.53 3.17 15.96
CA TYR A 119 0.38 3.49 16.79
C TYR A 119 -0.38 4.74 16.32
N LEU A 120 0.35 5.85 16.11
CA LEU A 120 -0.26 7.15 15.80
C LEU A 120 -0.74 7.31 14.34
N SER A 121 -0.05 6.67 13.39
CA SER A 121 -0.36 6.83 11.96
CA SER A 121 -0.36 6.83 11.96
C SER A 121 -0.97 5.58 11.35
N ASP A 122 -0.22 4.47 11.36
CA ASP A 122 -0.71 3.24 10.70
C ASP A 122 -2.04 2.77 11.24
N LEU A 123 -2.14 2.62 12.57
CA LEU A 123 -3.41 2.18 13.16
C LEU A 123 -4.54 3.22 13.04
N ALA A 124 -4.20 4.50 13.15
CA ALA A 124 -5.21 5.56 12.94
C ALA A 124 -5.74 5.51 11.51
N GLY A 125 -4.86 5.30 10.55
CA GLY A 125 -5.26 5.21 9.14
C GLY A 125 -6.09 3.98 8.81
N CYS A 126 -5.73 2.86 9.44
CA CYS A 126 -6.50 1.62 9.33
CA CYS A 126 -6.47 1.62 9.34
C CYS A 126 -7.93 1.79 9.78
N ILE A 127 -8.09 2.35 10.99
CA ILE A 127 -9.41 2.57 11.58
C ILE A 127 -10.22 3.56 10.74
N LYS A 128 -9.61 4.69 10.40
CA LYS A 128 -10.27 5.72 9.57
C LYS A 128 -10.66 5.24 8.19
N THR A 129 -9.78 4.48 7.53
CA THR A 129 -10.09 3.92 6.19
C THR A 129 -11.25 2.94 6.27
N LEU A 130 -11.26 2.05 7.27
CA LEU A 130 -12.39 1.14 7.45
C LEU A 130 -13.68 1.88 7.68
N ARG A 131 -13.67 2.89 8.54
CA ARG A 131 -14.88 3.67 8.79
C ARG A 131 -15.35 4.39 7.53
N TYR A 132 -14.40 4.93 6.75
CA TYR A 132 -14.74 5.55 5.47
C TYR A 132 -15.44 4.57 4.53
N CYS A 133 -14.87 3.36 4.38
CA CYS A 133 -15.42 2.34 3.48
C CYS A 133 -16.78 1.81 3.92
N ALA A 134 -16.94 1.66 5.24
CA ALA A 134 -18.23 1.28 5.81
C ALA A 134 -19.34 2.20 5.30
N GLY A 135 -19.06 3.50 5.24
CA GLY A 135 -20.04 4.51 4.85
C GLY A 135 -20.47 4.40 3.40
N TRP A 136 -19.61 3.87 2.54
CA TRP A 136 -19.94 3.65 1.12
C TRP A 136 -20.88 2.50 0.86
N ALA A 137 -21.01 1.54 1.78
CA ALA A 137 -21.65 0.26 1.45
C ALA A 137 -23.05 0.36 0.84
N ASP A 138 -23.89 1.19 1.46
CA ASP A 138 -25.27 1.38 1.01
C ASP A 138 -25.47 2.64 0.16
N LYS A 139 -24.36 3.12 -0.39
CA LYS A 139 -24.34 4.28 -1.28
C LYS A 139 -23.73 3.92 -2.63
N ILE A 140 -23.51 2.62 -2.90
CA ILE A 140 -23.08 2.14 -4.22
C ILE A 140 -24.38 1.97 -5.01
N GLN A 141 -24.48 2.69 -6.13
CA GLN A 141 -25.71 2.83 -6.90
C GLN A 141 -25.43 2.69 -8.38
N GLY A 142 -26.39 2.10 -9.08
CA GLY A 142 -26.41 2.12 -10.54
C GLY A 142 -27.23 3.29 -11.05
N ARG A 143 -27.75 3.14 -12.24
CA ARG A 143 -28.42 4.22 -12.95
C ARG A 143 -29.72 3.76 -13.57
N THR A 144 -30.61 4.70 -13.85
CA THR A 144 -31.70 4.49 -14.79
C THR A 144 -31.39 5.40 -15.97
N ILE A 145 -31.56 4.86 -17.17
CA ILE A 145 -30.95 5.40 -18.37
C ILE A 145 -32.00 5.57 -19.47
N PRO A 146 -32.09 6.80 -20.04
CA PRO A 146 -33.09 7.07 -21.09
C PRO A 146 -32.59 6.62 -22.47
N ILE A 147 -32.48 5.29 -22.60
CA ILE A 147 -32.14 4.61 -23.85
C ILE A 147 -33.09 4.99 -24.98
N ASP A 148 -32.60 4.95 -26.22
CA ASP A 148 -33.46 5.05 -27.39
C ASP A 148 -34.47 3.90 -27.43
N GLY A 149 -35.66 4.16 -27.96
CA GLY A 149 -36.70 3.14 -28.11
C GLY A 149 -37.53 2.91 -26.85
N ASN A 150 -38.56 2.09 -26.98
CA ASN A 150 -39.52 1.83 -25.89
C ASN A 150 -38.99 0.72 -24.98
N PHE A 151 -38.12 1.15 -24.09
CA PHE A 151 -37.46 0.31 -23.12
C PHE A 151 -37.24 1.05 -21.81
N PHE A 152 -37.24 0.25 -20.73
CA PHE A 152 -36.78 0.68 -19.40
C PHE A 152 -35.43 0.03 -19.19
N THR A 153 -34.39 0.86 -19.06
CA THR A 153 -33.04 0.40 -18.81
C THR A 153 -32.49 0.90 -17.48
N TYR A 154 -31.97 -0.04 -16.68
CA TYR A 154 -31.27 0.30 -15.47
C TYR A 154 -29.99 -0.50 -15.37
N THR A 155 -29.09 -0.08 -14.49
CA THR A 155 -27.88 -0.82 -14.26
C THR A 155 -27.76 -1.20 -12.80
N ARG A 156 -27.12 -2.34 -12.58
CA ARG A 156 -26.75 -2.82 -11.25
C ARG A 156 -25.25 -2.75 -11.16
N HIS A 157 -24.73 -2.11 -10.12
CA HIS A 157 -23.29 -2.13 -9.85
C HIS A 157 -23.07 -3.22 -8.83
N GLU A 158 -22.97 -4.45 -9.35
CA GLU A 158 -22.85 -5.66 -8.54
C GLU A 158 -21.45 -5.81 -7.99
N PRO A 159 -21.31 -6.57 -6.89
CA PRO A 159 -19.93 -7.04 -6.61
C PRO A 159 -19.39 -7.90 -7.75
N ILE A 160 -18.09 -7.90 -7.95
CA ILE A 160 -17.47 -8.69 -9.01
C ILE A 160 -17.55 -10.18 -8.63
N GLY A 161 -17.16 -10.50 -7.40
CA GLY A 161 -17.10 -11.88 -6.94
C GLY A 161 -15.95 -12.16 -5.99
N VAL A 162 -15.21 -13.23 -6.27
CA VAL A 162 -14.08 -13.64 -5.45
C VAL A 162 -12.90 -12.80 -5.90
N CYS A 163 -12.36 -11.98 -5.00
CA CYS A 163 -11.23 -11.11 -5.26
C CYS A 163 -9.98 -11.63 -4.53
N GLY A 164 -8.94 -11.95 -5.30
CA GLY A 164 -7.64 -12.31 -4.74
C GLY A 164 -6.83 -11.06 -4.46
N GLN A 165 -6.33 -10.93 -3.24
CA GLN A 165 -5.73 -9.68 -2.79
C GLN A 165 -4.38 -9.99 -2.17
N ILE A 166 -3.32 -9.50 -2.81
CA ILE A 166 -1.92 -9.75 -2.41
C ILE A 166 -1.34 -8.47 -1.81
N ILE A 167 -0.90 -8.57 -0.55
CA ILE A 167 -0.54 -7.44 0.31
C ILE A 167 0.99 -7.42 0.49
N PRO A 168 1.64 -6.23 0.47
CA PRO A 168 3.07 -6.15 0.76
C PRO A 168 3.39 -6.05 2.26
N TRP A 169 4.68 -5.98 2.55
CA TRP A 169 5.20 -6.00 3.93
C TRP A 169 5.40 -4.61 4.54
N ASN A 170 5.36 -3.54 3.73
CA ASN A 170 5.78 -2.21 4.23
C ASN A 170 4.72 -1.51 5.09
N PHE A 171 3.45 -1.70 4.77
CA PHE A 171 2.35 -1.24 5.62
C PHE A 171 1.33 -2.37 5.74
N PRO A 172 1.65 -3.42 6.53
CA PRO A 172 0.77 -4.60 6.46
C PRO A 172 -0.71 -4.39 6.82
N LEU A 173 -0.99 -3.68 7.91
CA LEU A 173 -2.37 -3.43 8.33
C LEU A 173 -3.11 -2.45 7.40
N VAL A 174 -2.45 -1.34 7.08
CA VAL A 174 -3.03 -0.33 6.20
C VAL A 174 -3.38 -0.94 4.85
N MET A 175 -2.46 -1.72 4.30
CA MET A 175 -2.66 -2.37 3.01
C MET A 175 -3.73 -3.45 3.03
N LEU A 176 -3.79 -4.20 4.13
CA LEU A 176 -4.87 -5.14 4.34
C LEU A 176 -6.23 -4.43 4.28
N ILE A 177 -6.36 -3.32 5.00
CA ILE A 177 -7.65 -2.60 5.08
C ILE A 177 -7.95 -1.87 3.76
N TRP A 178 -6.91 -1.37 3.09
CA TRP A 178 -7.12 -0.75 1.75
C TRP A 178 -7.69 -1.72 0.73
N LYS A 179 -7.28 -2.99 0.82
CA LYS A 179 -7.89 -4.08 0.05
C LYS A 179 -9.28 -4.48 0.53
N ILE A 180 -9.39 -4.95 1.78
CA ILE A 180 -10.63 -5.59 2.19
C ILE A 180 -11.79 -4.61 2.41
N GLY A 181 -11.47 -3.36 2.77
CA GLY A 181 -12.51 -2.37 3.08
C GLY A 181 -13.42 -2.12 1.89
N PRO A 182 -12.84 -1.65 0.76
CA PRO A 182 -13.66 -1.42 -0.43
C PRO A 182 -14.26 -2.69 -1.03
N ALA A 183 -13.50 -3.79 -1.00
CA ALA A 183 -13.98 -5.03 -1.60
C ALA A 183 -15.21 -5.51 -0.83
N LEU A 184 -15.15 -5.45 0.50
CA LEU A 184 -16.29 -5.88 1.33
C LEU A 184 -17.46 -4.89 1.30
N SER A 185 -17.14 -3.60 1.25
CA SER A 185 -18.18 -2.58 1.18
C SER A 185 -19.05 -2.82 -0.05
N CYS A 186 -18.43 -3.21 -1.16
CA CYS A 186 -19.11 -3.46 -2.44
C CYS A 186 -19.80 -4.82 -2.55
N GLY A 187 -19.55 -5.72 -1.60
CA GLY A 187 -20.19 -7.02 -1.53
C GLY A 187 -19.41 -8.21 -2.04
N ASN A 188 -18.12 -8.03 -2.27
CA ASN A 188 -17.23 -9.09 -2.73
C ASN A 188 -16.83 -10.01 -1.59
N THR A 189 -16.35 -11.17 -1.96
CA THR A 189 -15.65 -12.05 -1.04
C THR A 189 -14.17 -12.05 -1.42
N VAL A 190 -13.30 -12.32 -0.46
CA VAL A 190 -11.84 -12.14 -0.68
C VAL A 190 -11.00 -13.31 -0.19
N VAL A 191 -9.90 -13.53 -0.92
CA VAL A 191 -8.81 -14.41 -0.51
C VAL A 191 -7.57 -13.52 -0.45
N VAL A 192 -7.05 -13.31 0.76
CA VAL A 192 -5.95 -12.39 1.03
C VAL A 192 -4.68 -13.19 1.23
N LYS A 193 -3.59 -12.73 0.61
CA LYS A 193 -2.29 -13.33 0.81
C LYS A 193 -1.40 -12.24 1.37
N PRO A 194 -1.25 -12.21 2.72
CA PRO A 194 -0.33 -11.22 3.27
C PRO A 194 1.12 -11.56 2.94
N ALA A 195 2.02 -10.59 3.12
CA ALA A 195 3.42 -10.77 2.78
C ALA A 195 4.04 -11.88 3.62
N GLU A 196 4.93 -12.66 3.00
CA GLU A 196 5.68 -13.69 3.72
C GLU A 196 6.42 -13.12 4.93
N GLN A 197 6.92 -11.89 4.81
CA GLN A 197 7.65 -11.24 5.90
C GLN A 197 6.72 -10.84 7.06
N THR A 198 5.46 -10.51 6.75
CA THR A 198 4.53 -9.92 7.74
C THR A 198 3.11 -10.52 7.68
N PRO A 199 2.98 -11.82 8.02
CA PRO A 199 1.64 -12.42 8.05
C PRO A 199 0.83 -12.12 9.31
N LEU A 200 1.50 -11.71 10.40
CA LEU A 200 0.92 -11.81 11.75
C LEU A 200 -0.26 -10.88 12.04
N THR A 201 -0.11 -9.58 11.78
CA THR A 201 -1.21 -8.64 12.03
C THR A 201 -2.47 -8.97 11.22
N ALA A 202 -2.31 -9.49 10.02
CA ALA A 202 -3.46 -9.89 9.21
C ALA A 202 -4.21 -11.06 9.83
N LEU A 203 -3.48 -12.00 10.44
CA LEU A 203 -4.10 -13.14 11.09
C LEU A 203 -4.85 -12.72 12.36
N HIS A 204 -4.34 -11.73 13.10
CA HIS A 204 -5.11 -11.14 14.19
C HIS A 204 -6.39 -10.45 13.69
N VAL A 205 -6.29 -9.69 12.61
CA VAL A 205 -7.49 -9.07 12.01
C VAL A 205 -8.51 -10.15 11.63
N ALA A 206 -8.06 -11.29 11.11
CA ALA A 206 -8.98 -12.39 10.78
C ALA A 206 -9.80 -12.85 11.99
N SER A 207 -9.13 -12.97 13.15
CA SER A 207 -9.83 -13.28 14.41
C SER A 207 -10.91 -12.23 14.72
N LEU A 208 -10.63 -10.96 14.43
CA LEU A 208 -11.61 -9.88 14.61
C LEU A 208 -12.75 -9.84 13.60
N ILE A 209 -12.50 -10.34 12.39
CA ILE A 209 -13.54 -10.52 11.36
C ILE A 209 -14.53 -11.60 11.82
N LYS A 210 -14.01 -12.69 12.37
CA LYS A 210 -14.86 -13.69 13.00
C LYS A 210 -15.69 -13.10 14.16
N GLU A 211 -15.01 -12.43 15.08
CA GLU A 211 -15.67 -11.80 16.23
C GLU A 211 -16.78 -10.82 15.84
N ALA A 212 -16.51 -10.02 14.81
CA ALA A 212 -17.47 -9.00 14.29
C ALA A 212 -18.73 -9.63 13.69
N GLY A 213 -18.61 -10.87 13.23
CA GLY A 213 -19.76 -11.63 12.72
C GLY A 213 -19.94 -11.63 11.21
N PHE A 214 -18.85 -11.42 10.47
CA PHE A 214 -18.88 -11.58 9.00
C PHE A 214 -19.26 -13.03 8.70
N PRO A 215 -20.13 -13.28 7.68
CA PRO A 215 -20.47 -14.66 7.35
C PRO A 215 -19.23 -15.45 6.97
N PRO A 216 -19.19 -16.77 7.24
CA PRO A 216 -17.98 -17.52 6.87
C PRO A 216 -17.71 -17.53 5.37
N GLY A 217 -16.43 -17.40 5.02
CA GLY A 217 -16.00 -17.46 3.64
C GLY A 217 -15.95 -16.10 2.97
N VAL A 218 -16.44 -15.06 3.65
CA VAL A 218 -16.41 -13.70 3.08
C VAL A 218 -14.96 -13.17 3.08
N VAL A 219 -14.22 -13.44 4.16
CA VAL A 219 -12.78 -13.13 4.17
C VAL A 219 -12.01 -14.40 4.50
N ASN A 220 -11.06 -14.75 3.63
CA ASN A 220 -10.18 -15.88 3.84
C ASN A 220 -8.74 -15.37 3.72
N ILE A 221 -7.89 -15.75 4.66
CA ILE A 221 -6.50 -15.27 4.66
C ILE A 221 -5.57 -16.47 4.57
N VAL A 222 -4.73 -16.49 3.52
CA VAL A 222 -3.80 -17.60 3.30
C VAL A 222 -2.36 -17.06 3.35
N PRO A 223 -1.69 -17.17 4.53
CA PRO A 223 -0.27 -16.80 4.56
C PRO A 223 0.60 -17.73 3.74
N GLY A 224 1.78 -17.24 3.36
CA GLY A 224 2.77 -18.01 2.63
C GLY A 224 3.61 -17.12 1.72
N TYR A 225 4.34 -17.77 0.82
CA TYR A 225 5.26 -17.08 -0.12
C TYR A 225 4.57 -16.58 -1.39
N GLY A 226 5.26 -15.68 -2.09
CA GLY A 226 4.74 -15.04 -3.31
C GLY A 226 4.76 -15.95 -4.53
N PRO A 227 5.93 -16.55 -4.84
CA PRO A 227 6.00 -17.44 -6.01
C PRO A 227 5.15 -18.73 -5.96
N THR A 228 4.56 -19.05 -4.80
CA THR A 228 3.65 -20.19 -4.65
C THR A 228 2.19 -19.75 -4.43
N ALA A 229 1.89 -19.19 -3.27
CA ALA A 229 0.53 -18.76 -2.94
C ALA A 229 0.07 -17.57 -3.77
N GLY A 230 0.97 -16.63 -4.05
CA GLY A 230 0.65 -15.47 -4.88
C GLY A 230 0.41 -15.84 -6.34
N ALA A 231 1.21 -16.78 -6.85
CA ALA A 231 1.05 -17.27 -8.23
C ALA A 231 -0.24 -18.07 -8.39
N ALA A 232 -0.56 -18.88 -7.36
CA ALA A 232 -1.81 -19.66 -7.32
C ALA A 232 -3.01 -18.74 -7.45
N ILE A 233 -2.98 -17.62 -6.74
CA ILE A 233 -4.03 -16.58 -6.82
C ILE A 233 -4.13 -15.96 -8.21
N SER A 234 -3.00 -15.50 -8.76
CA SER A 234 -2.99 -14.79 -10.05
C SER A 234 -3.39 -15.66 -11.25
N SER A 235 -3.15 -16.97 -11.13
CA SER A 235 -3.44 -17.95 -12.19
C SER A 235 -4.73 -18.76 -11.98
N HIS A 236 -5.45 -18.53 -10.88
CA HIS A 236 -6.65 -19.31 -10.54
C HIS A 236 -7.80 -19.08 -11.53
N MET A 237 -8.43 -20.18 -11.98
CA MET A 237 -9.52 -20.12 -12.98
C MET A 237 -10.90 -19.67 -12.45
N ASP A 238 -11.04 -19.56 -11.13
CA ASP A 238 -12.29 -19.14 -10.50
C ASP A 238 -12.14 -17.97 -9.51
N ILE A 239 -11.02 -17.23 -9.60
CA ILE A 239 -10.91 -15.91 -8.98
C ILE A 239 -11.29 -14.88 -10.06
N ASP A 240 -12.20 -13.98 -9.71
CA ASP A 240 -12.72 -12.99 -10.67
C ASP A 240 -11.83 -11.76 -10.82
N LYS A 241 -11.12 -11.41 -9.74
CA LYS A 241 -10.26 -10.23 -9.75
C LYS A 241 -9.05 -10.41 -8.85
N VAL A 242 -7.88 -9.94 -9.30
CA VAL A 242 -6.68 -9.86 -8.46
C VAL A 242 -6.33 -8.38 -8.22
N ALA A 243 -6.05 -8.04 -6.96
CA ALA A 243 -5.50 -6.74 -6.59
C ALA A 243 -4.16 -6.97 -5.92
N PHE A 244 -3.15 -6.22 -6.34
CA PHE A 244 -1.78 -6.43 -5.91
C PHE A 244 -1.14 -5.08 -5.62
N THR A 245 -0.44 -4.99 -4.48
CA THR A 245 0.48 -3.87 -4.22
C THR A 245 1.87 -4.46 -4.03
N GLY A 246 2.85 -3.90 -4.72
CA GLY A 246 4.23 -4.35 -4.60
C GLY A 246 5.14 -3.81 -5.70
N SER A 247 6.18 -4.57 -6.02
CA SER A 247 7.13 -4.19 -7.07
C SER A 247 6.45 -4.15 -8.44
N THR A 248 6.89 -3.24 -9.29
CA THR A 248 6.50 -3.20 -10.71
C THR A 248 6.88 -4.50 -11.45
N GLU A 249 8.00 -5.12 -11.08
CA GLU A 249 8.43 -6.39 -11.66
C GLU A 249 7.41 -7.52 -11.47
N VAL A 250 6.94 -7.67 -10.23
CA VAL A 250 5.94 -8.68 -9.89
C VAL A 250 4.58 -8.29 -10.46
N GLY A 251 4.28 -6.98 -10.44
CA GLY A 251 3.09 -6.44 -11.11
C GLY A 251 2.92 -6.93 -12.53
N LYS A 252 4.00 -6.98 -13.29
CA LYS A 252 3.99 -7.48 -14.67
C LYS A 252 3.68 -8.98 -14.76
N LEU A 253 4.20 -9.76 -13.82
CA LEU A 253 3.89 -11.19 -13.73
C LEU A 253 2.43 -11.43 -13.40
N ILE A 254 1.87 -10.61 -12.50
CA ILE A 254 0.45 -10.72 -12.11
C ILE A 254 -0.45 -10.49 -13.32
N LYS A 255 -0.21 -9.40 -14.03
CA LYS A 255 -1.03 -9.02 -15.18
C LYS A 255 -0.92 -10.06 -16.31
N GLU A 256 0.28 -10.57 -16.52
CA GLU A 256 0.51 -11.63 -17.51
C GLU A 256 -0.30 -12.90 -17.17
N ALA A 257 -0.22 -13.32 -15.90
CA ALA A 257 -0.88 -14.55 -15.42
C ALA A 257 -2.41 -14.45 -15.48
N ALA A 258 -2.96 -13.28 -15.16
CA ALA A 258 -4.38 -13.00 -15.33
C ALA A 258 -4.80 -13.19 -16.80
N GLY A 259 -3.97 -12.68 -17.71
CA GLY A 259 -4.20 -12.84 -19.15
C GLY A 259 -4.21 -14.28 -19.60
N LYS A 260 -3.22 -15.05 -19.16
CA LYS A 260 -3.08 -16.47 -19.52
C LYS A 260 -4.22 -17.37 -19.02
N SER A 261 -4.68 -17.11 -17.79
CA SER A 261 -5.63 -17.98 -17.10
C SER A 261 -7.10 -17.72 -17.54
N ASN A 262 -7.77 -16.77 -16.90
CA ASN A 262 -9.22 -16.56 -17.04
C ASN A 262 -9.61 -15.10 -17.28
N LEU A 263 -8.66 -14.30 -17.76
CA LEU A 263 -8.85 -12.87 -17.96
C LEU A 263 -9.45 -12.14 -16.75
N LYS A 264 -9.02 -12.55 -15.56
CA LYS A 264 -9.48 -11.91 -14.32
C LYS A 264 -9.14 -10.43 -14.33
N ARG A 265 -9.98 -9.64 -13.67
CA ARG A 265 -9.77 -8.18 -13.60
C ARG A 265 -8.54 -7.91 -12.73
N VAL A 266 -7.80 -6.87 -13.07
CA VAL A 266 -6.52 -6.57 -12.42
C VAL A 266 -6.49 -5.10 -11.98
N THR A 267 -6.11 -4.85 -10.72
CA THR A 267 -5.61 -3.54 -10.31
C THR A 267 -4.25 -3.74 -9.65
N LEU A 268 -3.36 -2.78 -9.88
CA LEU A 268 -1.97 -2.86 -9.43
C LEU A 268 -1.58 -1.50 -8.83
N GLU A 269 -0.98 -1.53 -7.63
CA GLU A 269 -0.37 -0.36 -7.00
C GLU A 269 1.09 -0.70 -6.85
N LEU A 270 1.94 -0.08 -7.66
CA LEU A 270 3.31 -0.57 -7.81
C LEU A 270 4.30 0.47 -7.30
N GLY A 271 5.58 0.31 -7.62
CA GLY A 271 6.61 1.23 -7.17
C GLY A 271 6.63 2.58 -7.86
N GLY A 272 7.63 3.38 -7.52
CA GLY A 272 7.82 4.67 -8.12
C GLY A 272 9.26 5.13 -8.11
N LYS A 273 9.49 6.23 -8.80
CA LYS A 273 10.70 7.02 -8.66
C LYS A 273 10.23 8.46 -8.67
N SER A 274 9.52 8.80 -7.60
CA SER A 274 8.69 10.00 -7.59
C SER A 274 9.51 11.28 -7.44
N PRO A 275 9.25 12.27 -8.30
CA PRO A 275 10.06 13.50 -8.27
C PRO A 275 9.39 14.63 -7.51
N CYS A 276 10.22 15.48 -6.92
CA CYS A 276 9.79 16.78 -6.40
C CYS A 276 10.48 17.88 -7.22
N ILE A 277 9.75 18.95 -7.50
CA ILE A 277 10.28 20.13 -8.16
C ILE A 277 10.15 21.27 -7.17
N VAL A 278 11.30 21.82 -6.76
CA VAL A 278 11.36 22.90 -5.79
C VAL A 278 11.77 24.19 -6.49
N LEU A 279 10.83 25.12 -6.65
CA LEU A 279 11.08 26.40 -7.34
C LEU A 279 11.80 27.36 -6.40
N ALA A 280 12.47 28.34 -7.00
CA ALA A 280 13.27 29.34 -6.26
C ALA A 280 12.45 30.18 -5.27
N ASP A 281 11.17 30.36 -5.56
CA ASP A 281 10.25 31.11 -4.70
C ASP A 281 9.61 30.29 -3.57
N ALA A 282 9.94 29.00 -3.47
CA ALA A 282 9.35 28.14 -2.46
C ALA A 282 9.72 28.55 -1.04
N ASP A 283 8.81 28.27 -0.10
CA ASP A 283 9.11 28.33 1.33
C ASP A 283 10.17 27.25 1.50
N LEU A 284 11.42 27.65 1.75
CA LEU A 284 12.54 26.72 1.67
C LEU A 284 12.54 25.65 2.77
N ASP A 285 12.30 26.08 4.02
CA ASP A 285 12.21 25.17 5.15
C ASP A 285 11.08 24.15 5.02
N ASN A 286 9.92 24.59 4.53
CA ASN A 286 8.79 23.69 4.31
C ASN A 286 9.13 22.66 3.23
N ALA A 287 9.76 23.11 2.14
CA ALA A 287 10.17 22.21 1.07
C ALA A 287 11.22 21.20 1.53
N VAL A 288 12.19 21.66 2.35
CA VAL A 288 13.21 20.76 2.89
C VAL A 288 12.56 19.71 3.83
N GLU A 289 11.66 20.16 4.70
CA GLU A 289 11.04 19.26 5.68
C GLU A 289 10.17 18.20 5.00
N PHE A 290 9.33 18.60 4.04
CA PHE A 290 8.46 17.64 3.34
C PHE A 290 9.22 16.71 2.37
N ALA A 291 10.16 17.26 1.60
CA ALA A 291 11.04 16.43 0.77
C ALA A 291 11.85 15.43 1.60
N HIS A 292 12.30 15.87 2.78
CA HIS A 292 13.00 14.98 3.71
C HIS A 292 12.15 13.79 4.16
N HIS A 293 11.01 14.08 4.78
CA HIS A 293 10.09 13.02 5.22
C HIS A 293 9.51 12.26 4.02
N GLY A 294 9.41 12.94 2.89
CA GLY A 294 8.95 12.36 1.63
C GLY A 294 9.76 11.19 1.14
N VAL A 295 11.08 11.24 1.33
CA VAL A 295 12.00 10.15 0.95
C VAL A 295 12.33 9.22 2.13
N PHE A 296 12.44 9.74 3.36
CA PHE A 296 12.93 8.96 4.52
C PHE A 296 11.87 8.22 5.34
N TYR A 297 10.58 8.44 5.06
CA TYR A 297 9.54 7.82 5.87
C TYR A 297 9.62 6.28 5.86
N HIS A 298 9.42 5.67 7.03
CA HIS A 298 9.50 4.21 7.20
C HIS A 298 10.73 3.59 6.51
N GLN A 299 11.90 4.16 6.84
CA GLN A 299 13.19 3.71 6.30
C GLN A 299 13.21 3.70 4.76
N GLY A 300 12.55 4.67 4.15
CA GLY A 300 12.41 4.75 2.70
C GLY A 300 11.55 3.69 2.02
N GLN A 301 10.79 2.92 2.79
CA GLN A 301 10.09 1.76 2.23
C GLN A 301 8.65 2.13 1.88
N CYS A 302 8.52 3.20 1.10
CA CYS A 302 7.24 3.66 0.61
C CYS A 302 7.32 3.71 -0.90
N CYS A 303 6.28 3.23 -1.56
CA CYS A 303 6.19 3.29 -3.02
C CYS A 303 6.23 4.74 -3.55
N ILE A 304 5.70 5.69 -2.77
CA ILE A 304 5.73 7.12 -3.10
C ILE A 304 7.03 7.85 -2.75
N ALA A 305 8.04 7.16 -2.22
CA ALA A 305 9.32 7.79 -1.87
C ALA A 305 9.73 8.90 -2.84
N ALA A 306 9.88 10.12 -2.33
CA ALA A 306 10.34 11.29 -3.10
C ALA A 306 11.83 11.16 -3.42
N SER A 307 12.14 10.22 -4.30
CA SER A 307 13.51 9.76 -4.55
C SER A 307 14.27 10.53 -5.64
N ARG A 308 13.67 11.59 -6.19
CA ARG A 308 14.40 12.56 -7.00
C ARG A 308 13.90 13.96 -6.65
N ILE A 309 14.76 14.77 -6.03
CA ILE A 309 14.39 16.13 -5.63
C ILE A 309 15.17 17.11 -6.49
N PHE A 310 14.47 17.69 -7.46
CA PHE A 310 15.02 18.71 -8.35
C PHE A 310 14.85 20.09 -7.72
N VAL A 311 15.95 20.80 -7.50
CA VAL A 311 15.88 22.11 -6.88
C VAL A 311 16.50 23.16 -7.80
N GLU A 312 15.84 24.31 -7.92
CA GLU A 312 16.35 25.40 -8.76
C GLU A 312 17.76 25.81 -8.27
N GLU A 313 18.64 26.16 -9.20
CA GLU A 313 20.07 26.37 -8.89
C GLU A 313 20.37 27.41 -7.81
N SER A 314 19.64 28.53 -7.82
CA SER A 314 19.91 29.65 -6.89
C SER A 314 19.61 29.31 -5.42
N ILE A 315 18.81 28.27 -5.16
CA ILE A 315 18.54 27.79 -3.79
C ILE A 315 19.06 26.37 -3.51
N TYR A 316 19.73 25.77 -4.49
CA TYR A 316 20.18 24.36 -4.45
C TYR A 316 21.18 24.08 -3.33
N ASP A 317 22.19 24.93 -3.19
CA ASP A 317 23.22 24.76 -2.17
C ASP A 317 22.61 24.82 -0.76
N GLU A 318 21.82 25.86 -0.51
CA GLU A 318 21.11 26.01 0.76
C GLU A 318 20.15 24.85 1.01
N PHE A 319 19.50 24.35 -0.04
CA PHE A 319 18.61 23.19 0.10
C PHE A 319 19.35 21.93 0.52
N VAL A 320 20.51 21.68 -0.10
CA VAL A 320 21.33 20.51 0.20
C VAL A 320 21.87 20.58 1.63
N ARG A 321 22.43 21.74 1.99
CA ARG A 321 22.92 21.97 3.35
C ARG A 321 21.87 21.66 4.43
N ARG A 322 20.67 22.26 4.29
CA ARG A 322 19.60 22.09 5.28
C ARG A 322 19.10 20.66 5.31
N SER A 323 19.01 20.01 4.13
CA SER A 323 18.58 18.61 4.04
C SER A 323 19.57 17.69 4.76
N VAL A 324 20.86 17.88 4.51
CA VAL A 324 21.90 17.07 5.14
C VAL A 324 21.85 17.17 6.67
N GLU A 325 21.62 18.37 7.20
CA GLU A 325 21.53 18.58 8.67
C GLU A 325 20.34 17.86 9.28
N ARG A 326 19.23 17.86 8.55
CA ARG A 326 18.04 17.14 8.96
C ARG A 326 18.26 15.63 8.97
N ALA A 327 18.98 15.10 7.97
CA ALA A 327 19.28 13.66 7.88
C ALA A 327 20.25 13.18 8.95
N LYS A 328 21.09 14.07 9.46
CA LYS A 328 22.06 13.74 10.52
C LYS A 328 21.45 13.70 11.94
N LYS A 329 20.14 13.96 12.08
CA LYS A 329 19.48 13.98 13.39
C LYS A 329 18.88 12.66 13.88
N TYR A 330 19.04 11.57 13.11
CA TYR A 330 18.38 10.32 13.44
C TYR A 330 19.07 9.50 14.51
N ILE A 331 18.24 8.75 15.22
CA ILE A 331 18.67 7.84 16.26
C ILE A 331 18.19 6.46 15.83
N LEU A 332 19.14 5.59 15.48
CA LEU A 332 18.82 4.24 15.04
C LEU A 332 18.67 3.29 16.23
N GLY A 333 17.83 2.28 16.07
CA GLY A 333 17.62 1.27 17.10
C GLY A 333 16.39 0.41 16.90
N ASN A 334 16.09 -0.36 17.95
CA ASN A 334 14.88 -1.19 17.98
C ASN A 334 13.66 -0.25 17.88
N PRO A 335 12.74 -0.48 16.91
CA PRO A 335 11.60 0.45 16.77
C PRO A 335 10.64 0.57 17.97
N LEU A 336 10.77 -0.33 18.95
CA LEU A 336 9.96 -0.32 20.18
C LEU A 336 10.43 0.60 21.31
N THR A 337 11.68 1.07 21.26
CA THR A 337 12.26 1.90 22.33
C THR A 337 11.89 3.37 22.12
N PRO A 338 11.34 4.07 23.16
CA PRO A 338 10.98 5.48 22.91
C PRO A 338 12.21 6.36 22.64
N GLY A 339 12.05 7.37 21.77
CA GLY A 339 13.16 8.21 21.33
C GLY A 339 13.87 7.72 20.08
N VAL A 340 13.83 6.40 19.80
CA VAL A 340 14.35 5.85 18.55
C VAL A 340 13.56 6.41 17.37
N THR A 341 14.28 6.88 16.35
CA THR A 341 13.65 7.54 15.20
C THR A 341 13.92 6.89 13.81
N GLN A 342 14.64 5.77 13.78
CA GLN A 342 14.82 4.99 12.54
C GLN A 342 15.01 3.51 12.88
N GLY A 343 14.08 2.68 12.40
CA GLY A 343 14.17 1.23 12.52
C GLY A 343 14.97 0.61 11.38
N PRO A 344 14.92 -0.73 11.25
CA PRO A 344 15.65 -1.46 10.21
C PRO A 344 14.90 -1.57 8.88
N GLN A 345 15.60 -2.03 7.85
CA GLN A 345 14.97 -2.50 6.62
C GLN A 345 14.31 -3.85 6.90
N ILE A 346 13.36 -4.23 6.04
CA ILE A 346 12.54 -5.42 6.31
C ILE A 346 13.31 -6.75 6.33
N ASP A 347 14.28 -6.93 5.44
CA ASP A 347 14.95 -8.21 5.29
C ASP A 347 16.25 -8.09 4.50
N LYS A 348 16.93 -9.23 4.34
CA LYS A 348 18.22 -9.30 3.67
C LYS A 348 18.15 -8.90 2.20
N GLU A 349 17.17 -9.43 1.48
CA GLU A 349 17.00 -9.16 0.05
C GLU A 349 16.98 -7.67 -0.21
N GLN A 350 16.10 -6.96 0.51
CA GLN A 350 16.00 -5.50 0.42
C GLN A 350 17.27 -4.76 0.85
N TYR A 351 17.79 -5.18 2.00
CA TYR A 351 19.03 -4.64 2.59
C TYR A 351 20.18 -4.69 1.58
N ASP A 352 20.35 -5.84 0.94
CA ASP A 352 21.39 -6.02 -0.08
C ASP A 352 21.18 -5.09 -1.28
N LYS A 353 19.96 -5.04 -1.78
CA LYS A 353 19.60 -4.18 -2.91
C LYS A 353 19.91 -2.71 -2.61
N ILE A 354 19.61 -2.28 -1.39
CA ILE A 354 19.85 -0.90 -0.94
C ILE A 354 21.34 -0.58 -0.92
N LEU A 355 22.13 -1.44 -0.27
CA LEU A 355 23.57 -1.24 -0.20
C LEU A 355 24.23 -1.28 -1.58
N ASP A 356 23.84 -2.23 -2.42
CA ASP A 356 24.33 -2.31 -3.80
C ASP A 356 24.07 -1.01 -4.58
N LEU A 357 22.86 -0.45 -4.44
CA LEU A 357 22.53 0.83 -5.09
C LEU A 357 23.28 2.04 -4.50
N ILE A 358 23.47 2.05 -3.18
CA ILE A 358 24.35 3.04 -2.52
C ILE A 358 25.77 3.02 -3.09
N GLU A 359 26.29 1.83 -3.38
CA GLU A 359 27.62 1.69 -3.99
C GLU A 359 27.71 2.24 -5.41
N SER A 360 26.64 2.13 -6.19
CA SER A 360 26.59 2.71 -7.53
C SER A 360 26.66 4.23 -7.49
N GLY A 361 25.93 4.86 -6.56
CA GLY A 361 26.00 6.31 -6.35
C GLY A 361 27.42 6.81 -6.16
N LYS A 362 28.16 6.12 -5.31
CA LYS A 362 29.58 6.41 -5.10
C LYS A 362 30.38 6.21 -6.40
N LYS A 363 30.25 5.02 -6.99
CA LYS A 363 31.03 4.63 -8.18
C LYS A 363 30.71 5.46 -9.42
N GLU A 364 29.43 5.72 -9.66
CA GLU A 364 28.97 6.53 -10.80
C GLU A 364 29.17 8.04 -10.61
N GLY A 365 29.62 8.46 -9.43
CA GLY A 365 30.13 9.82 -9.21
C GLY A 365 29.23 10.81 -8.49
N ALA A 366 28.18 10.34 -7.81
CA ALA A 366 27.37 11.20 -6.96
C ALA A 366 28.17 11.66 -5.73
N LYS A 367 27.82 12.82 -5.18
CA LYS A 367 28.49 13.35 -3.99
C LYS A 367 27.81 12.80 -2.73
N LEU A 368 28.52 11.96 -1.99
CA LEU A 368 28.03 11.45 -0.70
C LEU A 368 28.11 12.54 0.37
N GLU A 369 26.95 12.99 0.85
CA GLU A 369 26.89 14.04 1.88
C GLU A 369 26.93 13.49 3.30
N CYS A 370 26.28 12.34 3.51
CA CYS A 370 26.30 11.63 4.79
C CYS A 370 25.84 10.20 4.58
N GLY A 371 26.10 9.34 5.56
CA GLY A 371 25.67 7.94 5.53
C GLY A 371 26.43 7.08 4.53
N GLY A 372 25.71 6.19 3.87
CA GLY A 372 26.25 5.36 2.78
C GLY A 372 26.88 4.05 3.17
N GLY A 373 26.59 3.58 4.39
CA GLY A 373 26.98 2.25 4.83
C GLY A 373 25.95 1.67 5.79
N PRO A 374 26.21 0.47 6.32
CA PRO A 374 25.33 -0.15 7.32
C PRO A 374 25.53 0.40 8.74
N TRP A 375 24.70 -0.08 9.67
CA TRP A 375 24.77 0.27 11.09
C TRP A 375 24.43 -0.94 11.95
N GLY A 376 25.12 -1.08 13.07
CA GLY A 376 24.80 -2.10 14.09
C GLY A 376 25.41 -3.48 13.87
N ASN A 377 25.40 -4.28 14.95
CA ASN A 377 25.87 -5.69 14.92
C ASN A 377 24.75 -6.65 14.51
N LYS A 378 23.51 -6.22 14.72
CA LYS A 378 22.33 -7.01 14.38
C LYS A 378 21.29 -6.10 13.76
N GLY A 379 20.41 -6.70 12.96
CA GLY A 379 19.30 -5.99 12.33
C GLY A 379 19.67 -5.36 11.00
N TYR A 380 18.71 -5.30 10.07
CA TYR A 380 18.98 -4.88 8.69
C TYR A 380 19.06 -3.35 8.56
N PHE A 381 19.95 -2.72 9.34
CA PHE A 381 20.01 -1.25 9.45
C PHE A 381 20.92 -0.65 8.39
N VAL A 382 20.45 0.43 7.76
CA VAL A 382 21.24 1.22 6.81
C VAL A 382 21.31 2.66 7.32
N GLN A 383 22.50 3.25 7.29
CA GLN A 383 22.66 4.64 7.68
C GLN A 383 21.83 5.53 6.74
N PRO A 384 21.16 6.58 7.27
CA PRO A 384 20.43 7.49 6.38
C PRO A 384 21.39 8.23 5.45
N THR A 385 21.13 8.16 4.15
CA THR A 385 22.11 8.58 3.15
C THR A 385 21.56 9.72 2.31
N VAL A 386 22.42 10.69 2.00
CA VAL A 386 22.09 11.80 1.11
C VAL A 386 23.15 11.91 0.01
N PHE A 387 22.72 11.93 -1.25
CA PHE A 387 23.57 12.21 -2.40
C PHE A 387 23.15 13.52 -3.02
N SER A 388 24.09 14.46 -3.19
CA SER A 388 23.87 15.64 -4.02
C SER A 388 24.66 15.51 -5.31
N ASN A 389 24.40 16.42 -6.24
CA ASN A 389 24.92 16.38 -7.62
C ASN A 389 24.61 15.07 -8.35
N VAL A 390 23.40 14.55 -8.14
CA VAL A 390 22.94 13.35 -8.82
C VAL A 390 22.54 13.76 -10.24
N THR A 391 22.83 12.91 -11.22
CA THR A 391 22.42 13.11 -12.60
C THR A 391 21.53 11.96 -13.07
N ASP A 392 20.84 12.19 -14.19
CA ASP A 392 19.68 11.36 -14.57
C ASP A 392 20.00 9.94 -14.97
N GLU A 393 21.19 9.70 -15.53
CA GLU A 393 21.56 8.34 -15.96
C GLU A 393 22.11 7.47 -14.83
N MET A 394 22.31 8.03 -13.64
CA MET A 394 22.75 7.26 -12.49
C MET A 394 21.72 6.22 -12.09
N ARG A 395 22.18 5.10 -11.56
CA ARG A 395 21.29 4.03 -11.07
C ARG A 395 20.40 4.54 -9.95
N ILE A 396 20.98 5.31 -9.03
CA ILE A 396 20.22 5.90 -7.91
C ILE A 396 19.15 6.94 -8.32
N ALA A 397 19.22 7.45 -9.56
CA ALA A 397 18.18 8.31 -10.13
C ALA A 397 17.16 7.56 -10.99
N LYS A 398 17.48 6.33 -11.40
CA LYS A 398 16.55 5.54 -12.24
C LYS A 398 15.82 4.43 -11.50
N GLU A 399 16.51 3.74 -10.59
CA GLU A 399 15.94 2.57 -9.90
C GLU A 399 15.35 2.92 -8.55
N GLU A 400 14.22 2.29 -8.22
CA GLU A 400 13.64 2.38 -6.87
C GLU A 400 14.56 1.69 -5.86
N ILE A 401 15.05 2.47 -4.89
CA ILE A 401 15.97 1.99 -3.86
C ILE A 401 15.20 1.28 -2.75
N PHE A 402 14.10 1.91 -2.32
CA PHE A 402 13.28 1.42 -1.21
C PHE A 402 14.07 1.39 0.12
N GLY A 403 14.97 2.37 0.26
CA GLY A 403 15.81 2.50 1.45
C GLY A 403 16.01 3.97 1.82
N PRO A 404 16.68 4.24 2.95
CA PRO A 404 16.82 5.61 3.43
C PRO A 404 17.94 6.32 2.67
N VAL A 405 17.66 6.67 1.42
CA VAL A 405 18.67 7.21 0.50
C VAL A 405 18.04 8.33 -0.34
N GLN A 406 18.47 9.56 -0.12
CA GLN A 406 17.91 10.74 -0.77
C GLN A 406 18.81 11.17 -1.94
N GLN A 407 18.19 11.56 -3.05
CA GLN A 407 18.89 12.09 -4.23
C GLN A 407 18.48 13.54 -4.44
N ILE A 408 19.44 14.45 -4.52
CA ILE A 408 19.15 15.87 -4.76
C ILE A 408 19.84 16.34 -6.06
N MET A 409 19.04 16.89 -6.97
CA MET A 409 19.48 17.35 -8.31
C MET A 409 19.27 18.84 -8.44
N LYS A 410 20.00 19.44 -9.37
CA LYS A 410 19.81 20.85 -9.67
C LYS A 410 19.16 21.01 -11.04
N PHE A 411 18.47 22.13 -11.22
CA PHE A 411 17.92 22.52 -12.51
C PHE A 411 17.87 24.03 -12.59
N LYS A 412 17.85 24.54 -13.81
CA LYS A 412 17.62 25.97 -14.04
C LYS A 412 16.43 26.23 -14.96
N SER A 413 16.08 25.29 -15.84
CA SER A 413 14.98 25.41 -16.78
C SER A 413 13.75 24.59 -16.35
N LEU A 414 12.62 25.28 -16.14
CA LEU A 414 11.37 24.62 -15.76
C LEU A 414 10.83 23.69 -16.84
N ASP A 415 10.91 24.09 -18.11
CA ASP A 415 10.54 23.18 -19.21
C ASP A 415 11.29 21.86 -19.15
N ASP A 416 12.61 21.96 -18.96
CA ASP A 416 13.47 20.79 -18.95
C ASP A 416 13.30 19.91 -17.71
N VAL A 417 13.09 20.52 -16.54
CA VAL A 417 12.97 19.74 -15.29
C VAL A 417 11.64 18.94 -15.23
N ILE A 418 10.60 19.45 -15.89
CA ILE A 418 9.35 18.72 -16.06
C ILE A 418 9.55 17.51 -16.98
N LYS A 419 10.32 17.67 -18.06
CA LYS A 419 10.68 16.54 -18.94
C LYS A 419 11.45 15.49 -18.15
N ARG A 420 12.40 15.94 -17.35
CA ARG A 420 13.23 15.03 -16.55
C ARG A 420 12.38 14.33 -15.50
N ALA A 421 11.50 15.08 -14.84
CA ALA A 421 10.54 14.49 -13.88
C ALA A 421 9.68 13.42 -14.53
N ASN A 422 9.22 13.69 -15.75
CA ASN A 422 8.35 12.76 -16.48
C ASN A 422 9.11 11.66 -17.23
N ASN A 423 10.43 11.81 -17.35
CA ASN A 423 11.24 10.86 -18.09
C ASN A 423 11.58 9.62 -17.26
N THR A 424 10.54 8.81 -17.01
CA THR A 424 10.62 7.58 -16.25
C THR A 424 9.41 6.70 -16.64
N PHE A 425 9.54 5.39 -16.52
CA PHE A 425 8.41 4.48 -16.68
C PHE A 425 7.47 4.51 -15.47
N TYR A 426 7.96 5.02 -14.35
CA TYR A 426 7.14 5.18 -13.14
C TYR A 426 6.20 6.38 -13.27
N GLY A 427 5.34 6.55 -12.27
CA GLY A 427 4.42 7.68 -12.24
C GLY A 427 3.43 7.61 -11.10
N LEU A 428 3.90 7.26 -9.91
CA LEU A 428 3.00 7.10 -8.76
C LEU A 428 2.59 8.43 -8.16
N SER A 429 3.57 9.31 -7.97
CA SER A 429 3.32 10.57 -7.29
C SER A 429 4.40 11.59 -7.60
N ALA A 430 4.18 12.82 -7.16
CA ALA A 430 5.12 13.91 -7.34
C ALA A 430 4.79 15.07 -6.39
N GLY A 431 5.76 15.95 -6.23
CA GLY A 431 5.66 17.12 -5.36
C GLY A 431 6.08 18.38 -6.09
N VAL A 432 5.36 19.48 -5.85
CA VAL A 432 5.68 20.79 -6.42
C VAL A 432 5.69 21.78 -5.27
N PHE A 433 6.78 22.54 -5.16
CA PHE A 433 6.92 23.54 -4.09
C PHE A 433 7.14 24.91 -4.71
N THR A 434 6.17 25.79 -4.52
CA THR A 434 6.18 27.16 -5.04
C THR A 434 5.12 27.99 -4.33
N LYS A 435 5.31 29.31 -4.33
CA LYS A 435 4.26 30.25 -3.90
C LYS A 435 3.38 30.75 -5.06
N ASP A 436 3.76 30.43 -6.31
CA ASP A 436 3.10 30.97 -7.50
C ASP A 436 1.90 30.11 -7.91
N ILE A 437 0.72 30.74 -7.94
CA ILE A 437 -0.56 30.09 -8.26
C ILE A 437 -0.48 29.44 -9.62
N ASP A 438 -0.01 30.19 -10.60
CA ASP A 438 0.02 29.66 -11.96
C ASP A 438 0.97 28.46 -12.08
N LYS A 439 2.13 28.54 -11.43
CA LYS A 439 3.13 27.47 -11.48
C LYS A 439 2.54 26.21 -10.83
N ALA A 440 1.88 26.38 -9.69
CA ALA A 440 1.31 25.25 -8.97
C ALA A 440 0.31 24.48 -9.81
N ILE A 441 -0.59 25.22 -10.47
CA ILE A 441 -1.59 24.59 -11.32
C ILE A 441 -0.97 23.98 -12.58
N THR A 442 -0.16 24.75 -13.31
CA THR A 442 0.38 24.27 -14.60
C THR A 442 1.37 23.13 -14.41
N ILE A 443 2.22 23.18 -13.37
CA ILE A 443 3.18 22.12 -13.18
C ILE A 443 2.49 20.81 -12.76
N SER A 444 1.54 20.91 -11.83
CA SER A 444 0.82 19.72 -11.38
C SER A 444 0.00 19.10 -12.53
N SER A 445 -0.57 19.91 -13.42
CA SER A 445 -1.25 19.40 -14.62
C SER A 445 -0.30 18.65 -15.58
N ALA A 446 0.93 19.17 -15.73
CA ALA A 446 1.92 18.61 -16.66
C ALA A 446 2.66 17.36 -16.16
N LEU A 447 2.70 17.16 -14.84
CA LEU A 447 3.36 15.99 -14.28
C LEU A 447 2.55 14.71 -14.52
N GLN A 448 3.24 13.67 -14.97
CA GLN A 448 2.60 12.40 -15.26
C GLN A 448 2.66 11.50 -14.02
N ALA A 449 1.87 11.90 -13.02
CA ALA A 449 1.89 11.28 -11.70
C ALA A 449 0.47 11.19 -11.16
N GLY A 450 0.18 10.11 -10.45
CA GLY A 450 -1.16 9.84 -9.93
C GLY A 450 -1.61 10.78 -8.84
N THR A 451 -0.73 11.07 -7.90
CA THR A 451 -0.94 12.12 -6.90
C THR A 451 0.14 13.18 -7.00
N VAL A 452 -0.28 14.44 -7.08
CA VAL A 452 0.66 15.56 -7.06
C VAL A 452 0.38 16.40 -5.82
N TRP A 453 1.35 16.45 -4.91
CA TRP A 453 1.26 17.32 -3.73
C TRP A 453 1.87 18.69 -4.03
N VAL A 454 1.20 19.74 -3.55
CA VAL A 454 1.65 21.12 -3.73
C VAL A 454 1.97 21.65 -2.34
N ASN A 455 3.24 22.02 -2.13
CA ASN A 455 3.76 22.53 -0.85
C ASN A 455 3.60 21.55 0.34
N CYS A 456 3.59 20.26 0.01
CA CYS A 456 3.55 19.17 0.96
C CYS A 456 3.97 17.88 0.26
N TYR A 457 3.96 16.77 1.00
CA TYR A 457 4.29 15.47 0.43
C TYR A 457 3.77 14.38 1.35
N GLY A 458 3.40 13.25 0.76
CA GLY A 458 2.94 12.08 1.51
C GLY A 458 1.69 12.31 2.35
N VAL A 459 0.79 13.18 1.86
CA VAL A 459 -0.54 13.38 2.48
C VAL A 459 -1.54 12.42 1.83
N VAL A 460 -1.87 11.37 2.56
CA VAL A 460 -2.74 10.29 2.09
C VAL A 460 -3.96 10.31 2.99
N SER A 461 -5.13 10.09 2.40
CA SER A 461 -6.37 10.05 3.16
C SER A 461 -7.41 9.19 2.42
N ALA A 462 -8.32 8.59 3.18
CA ALA A 462 -9.30 7.66 2.65
C ALA A 462 -10.25 8.27 1.59
N GLN A 463 -10.42 9.60 1.63
CA GLN A 463 -11.40 10.29 0.81
C GLN A 463 -10.91 10.50 -0.62
N CYS A 464 -9.58 10.36 -0.83
CA CYS A 464 -8.90 10.56 -2.13
C CYS A 464 -8.63 9.26 -2.83
N PRO A 465 -8.79 9.26 -4.15
CA PRO A 465 -8.27 8.14 -4.90
C PRO A 465 -6.73 8.19 -4.94
N PHE A 466 -6.13 7.01 -5.01
CA PHE A 466 -4.68 6.85 -4.94
C PHE A 466 -4.26 5.75 -5.91
N GLY A 467 -3.27 6.05 -6.76
CA GLY A 467 -2.72 5.07 -7.68
C GLY A 467 -1.77 5.67 -8.69
N GLY A 468 -1.26 4.82 -9.58
CA GLY A 468 -0.16 5.21 -10.47
C GLY A 468 -0.54 5.49 -11.92
N PHE A 469 0.14 6.48 -12.50
CA PHE A 469 0.26 6.61 -13.96
C PHE A 469 1.32 5.60 -14.40
N LYS A 470 1.24 5.19 -15.66
CA LYS A 470 2.26 4.37 -16.30
C LYS A 470 2.52 3.05 -15.52
N MET A 471 3.78 2.66 -15.36
CA MET A 471 4.10 1.35 -14.77
C MET A 471 4.11 1.41 -13.23
N SER A 472 3.69 2.53 -12.64
CA SER A 472 3.41 2.61 -11.21
C SER A 472 2.05 2.07 -10.80
N GLY A 473 1.21 1.67 -11.75
CA GLY A 473 -0.08 1.04 -11.44
C GLY A 473 -1.14 1.02 -12.53
N ASN A 474 -2.20 0.23 -12.27
CA ASN A 474 -3.44 0.21 -13.05
C ASN A 474 -4.60 0.36 -12.07
N GLY A 475 -5.40 1.41 -12.25
CA GLY A 475 -6.58 1.66 -11.44
C GLY A 475 -6.26 2.49 -10.22
N ARG A 476 -7.28 2.70 -9.38
CA ARG A 476 -7.16 3.55 -8.19
C ARG A 476 -7.77 2.83 -7.00
N GLU A 477 -7.22 3.11 -5.82
CA GLU A 477 -7.77 2.61 -4.56
C GLU A 477 -8.28 3.78 -3.74
N LEU A 478 -9.39 3.56 -3.06
CA LEU A 478 -10.02 4.52 -2.17
C LEU A 478 -10.61 5.71 -2.91
N GLY A 479 -11.18 6.66 -2.15
CA GLY A 479 -12.05 7.67 -2.74
C GLY A 479 -13.29 7.02 -3.30
N GLU A 480 -14.19 7.85 -3.80
CA GLU A 480 -15.32 7.40 -4.58
C GLU A 480 -14.85 6.60 -5.81
N TYR A 481 -13.81 7.10 -6.49
CA TYR A 481 -13.38 6.49 -7.75
C TYR A 481 -12.86 5.07 -7.59
N GLY A 482 -12.17 4.82 -6.49
CA GLY A 482 -11.59 3.51 -6.23
C GLY A 482 -12.63 2.44 -6.05
N PHE A 483 -13.81 2.80 -5.56
CA PHE A 483 -14.89 1.84 -5.37
C PHE A 483 -15.42 1.24 -6.67
N HIS A 484 -15.28 1.94 -7.79
CA HIS A 484 -15.73 1.41 -9.09
C HIS A 484 -15.06 0.08 -9.45
N GLU A 485 -13.77 -0.04 -9.16
CA GLU A 485 -13.02 -1.25 -9.52
C GLU A 485 -13.33 -2.46 -8.62
N TYR A 486 -14.23 -2.31 -7.65
CA TYR A 486 -14.78 -3.47 -6.93
C TYR A 486 -16.25 -3.73 -7.27
N THR A 487 -16.71 -3.16 -8.38
CA THR A 487 -18.03 -3.46 -8.90
C THR A 487 -17.93 -3.97 -10.34
N GLU A 488 -18.94 -4.72 -10.75
CA GLU A 488 -19.13 -5.17 -12.11
C GLU A 488 -20.50 -4.68 -12.54
N VAL A 489 -20.55 -3.99 -13.67
CA VAL A 489 -21.77 -3.31 -14.10
C VAL A 489 -22.61 -4.20 -15.02
N LYS A 490 -23.88 -4.36 -14.66
CA LYS A 490 -24.86 -5.10 -15.43
C LYS A 490 -25.92 -4.11 -15.91
N THR A 491 -26.17 -4.13 -17.21
CA THR A 491 -27.27 -3.35 -17.81
C THR A 491 -28.47 -4.26 -17.96
N VAL A 492 -29.62 -3.83 -17.45
CA VAL A 492 -30.87 -4.56 -17.64
C VAL A 492 -31.79 -3.73 -18.50
N THR A 493 -32.19 -4.26 -19.65
CA THR A 493 -33.03 -3.54 -20.60
C THR A 493 -34.31 -4.32 -20.81
N VAL A 494 -35.42 -3.67 -20.44
CA VAL A 494 -36.75 -4.26 -20.38
C VAL A 494 -37.64 -3.63 -21.46
N LYS A 495 -38.21 -4.48 -22.33
CA LYS A 495 -39.20 -4.05 -23.32
C LYS A 495 -40.45 -3.54 -22.61
N ILE A 496 -40.94 -2.37 -23.03
CA ILE A 496 -42.18 -1.81 -22.53
C ILE A 496 -43.02 -1.32 -23.72
N SER A 497 -44.34 -1.21 -23.49
CA SER A 497 -45.28 -0.77 -24.51
C SER A 497 -45.00 0.68 -24.92
N GLN A 498 -44.77 1.55 -23.95
CA GLN A 498 -44.46 2.95 -24.22
C GLN A 498 -43.73 3.57 -23.05
N LYS A 499 -42.61 4.23 -23.35
CA LYS A 499 -41.85 4.99 -22.37
C LYS A 499 -42.31 6.43 -22.32
N ASN A 500 -42.15 7.04 -21.17
CA ASN A 500 -42.29 8.46 -21.00
C ASN A 500 -41.08 8.97 -20.25
N SER A 501 -40.65 10.18 -20.59
CA SER A 501 -39.50 10.81 -19.94
C SER A 501 -39.74 10.97 -18.43
#